data_8G3S
#
_entry.id   8G3S
#
_cell.length_a   98.880
_cell.length_b   137.350
_cell.length_c   38.676
_cell.angle_alpha   90.00
_cell.angle_beta   90.00
_cell.angle_gamma   90.00
#
_symmetry.space_group_name_H-M   'P 21 21 2'
#
loop_
_entity.id
_entity.type
_entity.pdbx_description
1 polymer 'Maltodextrin-binding protein, Induced myeloid leukemia cell differentiation protein Mcl-1 chimera'
2 branched alpha-D-glucopyranose-(1-4)-alpha-D-glucopyranose
3 non-polymer 'FORMIC ACID'
4 non-polymer "(1'S,3aS,5R,16R,17S,19E,21S,21aR)-6'-chloro-21-methoxy-16,17-dimethyl-2,3,3',3a,4',16,17,18,21,21a-decahydro-2'H,6H,8H-15lambda~6~-spiro[10,12-etheno-15lambda~6~-furo[3,2-i][1,4]oxazepino[3,4-f][1,2,7]thiadiazacyclohexadecine-7,1'-naphthalene]-13,15,15(4H,14H)-trione"
5 water water
#
_entity_poly.entity_id   1
_entity_poly.type   'polypeptide(L)'
_entity_poly.pdbx_seq_one_letter_code
;GKIEEGKLVIWINGDKGYNGLAEVGKKFEKDTGIKVTVEHPDKLEEKFPQVAATGDGPDIIFWAHDRFGGYAQSGLLAEI
TPDKAFQDKLYPFTWDAVRYNGKLIAYPIAVEALSLIYNKDLLPNPPKTWEEIPALDKELKAKGKSALMFNLQEPYFTWP
LIAADGGYAFKYENGKYDIKDVGVDNAGAKAGLTFLVDLIKNKHMNADTDYSIAEAAFNKGETAMTINGPWAWSNIDTSK
VNYGVTVLPTFKGQPSKPFVGVLSAGINAASPNKELAKEFLENYLLTDEGLEAVNKDKPLGAVALKSYEEELAKDPRIAA
TMENAQKGEIMPNIPQMSAFWYAVRTAVINAASGRQTVDEALKDAQTGSELYRQSLEIISRYLREQATGAADTAPMGASG
ATSRKALETLRRVGDGVQRNHETAFQGMLRKLDIKNEDDVKSLSRVMIHVFSDGVTNWGRIVTLISFGAFVAKHLKTINQ
ESCIEPLAESITDVLVRTKRDWLVKQRGWDGFVEFFHV
;
_entity_poly.pdbx_strand_id   A
#
loop_
_chem_comp.id
_chem_comp.type
_chem_comp.name
_chem_comp.formula
FMT non-polymer 'FORMIC ACID' 'C H2 O2'
GLC D-saccharide, alpha linking alpha-D-glucopyranose 'C6 H12 O6'
YLT non-polymer (1'S,3aS,5R,16R,17S,19E,21S,21aR)-6'-chloro-21-methoxy-16,17-dimethyl-2,3,3',3a,4',16,17,18,21,21a-decahydro-2'H,6H,8H-15lambda~6~-spiro[10,12-etheno-15lambda~6~-furo[3,2-i][1,4]oxazepino[3,4-f][1,2,7]thiadiazacyclohexadecine-7,1'-naphthalene]-13,15,15(4H,14H)-trione 'C33 H41 Cl N2 O6 S'
#
# COMPACT_ATOMS: atom_id res chain seq x y z
N GLY A 1 17.99 2.12 -17.86
CA GLY A 1 17.71 2.41 -19.30
C GLY A 1 17.09 3.76 -19.54
N LYS A 2 16.71 4.02 -20.79
CA LYS A 2 16.07 5.29 -21.17
C LYS A 2 14.72 5.03 -21.78
N ILE A 3 13.71 5.74 -21.28
CA ILE A 3 12.36 5.66 -21.83
C ILE A 3 12.40 6.29 -23.25
N GLU A 4 11.78 5.61 -24.21
CA GLU A 4 11.81 6.03 -25.62
C GLU A 4 10.90 7.25 -25.85
N GLU A 5 11.42 8.27 -26.53
CA GLU A 5 10.67 9.48 -26.84
C GLU A 5 9.75 9.24 -28.04
N GLY A 6 8.56 9.84 -28.02
CA GLY A 6 7.61 9.78 -29.13
C GLY A 6 6.69 8.59 -29.17
N LYS A 7 6.53 7.92 -28.03
CA LYS A 7 5.48 6.93 -27.83
C LYS A 7 5.04 6.98 -26.38
N LEU A 8 3.95 6.28 -26.08
CA LEU A 8 3.53 6.11 -24.68
C LEU A 8 3.41 4.63 -24.35
N VAL A 9 4.05 4.25 -23.25
CA VAL A 9 3.90 2.93 -22.64
C VAL A 9 3.14 3.12 -21.34
N ILE A 10 2.07 2.33 -21.19
CA ILE A 10 1.16 2.41 -20.05
C ILE A 10 1.13 1.05 -19.37
N TRP A 11 1.22 1.06 -18.04
CA TRP A 11 1.02 -0.14 -17.22
C TRP A 11 -0.26 -0.03 -16.41
N ILE A 12 -1.07 -1.08 -16.44
CA ILE A 12 -2.32 -1.16 -15.69
C ILE A 12 -2.50 -2.61 -15.24
N ASN A 13 -3.18 -2.81 -14.12
CA ASN A 13 -3.35 -4.17 -13.60
C ASN A 13 -4.24 -5.04 -14.48
N GLY A 14 -3.95 -6.34 -14.50
CA GLY A 14 -4.62 -7.28 -15.37
C GLY A 14 -6.07 -7.57 -15.07
N ASP A 15 -6.57 -7.09 -13.93
CA ASP A 15 -8.01 -7.17 -13.62
C ASP A 15 -8.82 -5.98 -14.15
N LYS A 16 -8.16 -4.98 -14.72
CA LYS A 16 -8.83 -3.76 -15.22
C LYS A 16 -9.08 -3.84 -16.73
N GLY A 17 -9.77 -2.83 -17.28
CA GLY A 17 -10.15 -2.83 -18.69
C GLY A 17 -9.04 -2.36 -19.62
N TYR A 18 -7.99 -3.17 -19.70
CA TYR A 18 -6.82 -2.79 -20.50
C TYR A 18 -7.06 -2.80 -22.02
N ASN A 19 -8.00 -3.61 -22.49
CA ASN A 19 -8.41 -3.56 -23.90
C ASN A 19 -9.18 -2.29 -24.23
N GLY A 20 -10.07 -1.87 -23.33
CA GLY A 20 -10.73 -0.56 -23.42
C GLY A 20 -9.76 0.60 -23.41
N LEU A 21 -8.77 0.51 -22.52
CA LEU A 21 -7.72 1.54 -22.46
C LEU A 21 -6.92 1.61 -23.77
N ALA A 22 -6.64 0.45 -24.36
CA ALA A 22 -5.92 0.39 -25.63
C ALA A 22 -6.73 1.03 -26.76
N GLU A 23 -8.06 0.93 -26.70
CA GLU A 23 -8.95 1.58 -27.67
CA GLU A 23 -8.93 1.60 -27.69
C GLU A 23 -8.79 3.11 -27.56
N VAL A 24 -8.69 3.62 -26.34
CA VAL A 24 -8.43 5.06 -26.12
C VAL A 24 -7.06 5.42 -26.72
N GLY A 25 -6.08 4.54 -26.52
CA GLY A 25 -4.76 4.70 -27.12
C GLY A 25 -4.80 4.79 -28.63
N LYS A 26 -5.66 3.97 -29.26
CA LYS A 26 -5.79 4.02 -30.72
C LYS A 26 -6.39 5.34 -31.21
N LYS A 27 -7.35 5.88 -30.46
CA LYS A 27 -7.94 7.18 -30.77
C LYS A 27 -6.87 8.31 -30.69
N PHE A 28 -6.02 8.21 -29.69
CA PHE A 28 -4.90 9.13 -29.51
C PHE A 28 -3.93 9.05 -30.70
N GLU A 29 -3.60 7.82 -31.10
CA GLU A 29 -2.71 7.58 -32.24
C GLU A 29 -3.27 8.16 -33.53
N LYS A 30 -4.58 8.00 -33.71
CA LYS A 30 -5.28 8.50 -34.88
C LYS A 30 -5.11 10.03 -35.04
N ASP A 31 -5.18 10.78 -33.94
CA ASP A 31 -4.98 12.24 -33.98
C ASP A 31 -3.52 12.66 -34.14
N THR A 32 -2.64 11.97 -33.42
CA THR A 32 -1.28 12.46 -33.15
C THR A 32 -0.16 11.71 -33.87
N GLY A 33 -0.45 10.50 -34.35
CA GLY A 33 0.56 9.59 -34.87
C GLY A 33 1.42 8.89 -33.81
N ILE A 34 1.07 9.04 -32.53
CA ILE A 34 1.85 8.51 -31.44
C ILE A 34 1.22 7.18 -31.03
N LYS A 35 2.02 6.10 -31.11
CA LYS A 35 1.59 4.77 -30.67
C LYS A 35 1.54 4.69 -29.15
N VAL A 36 0.45 4.09 -28.66
CA VAL A 36 0.23 3.86 -27.25
C VAL A 36 0.22 2.34 -27.04
N THR A 37 1.12 1.88 -26.17
CA THR A 37 1.24 0.47 -25.84
C THR A 37 0.76 0.32 -24.42
N VAL A 38 -0.24 -0.53 -24.22
CA VAL A 38 -0.79 -0.86 -22.90
C VAL A 38 -0.30 -2.25 -22.52
N GLU A 39 0.30 -2.34 -21.34
CA GLU A 39 0.81 -3.60 -20.80
C GLU A 39 0.22 -3.82 -19.42
N HIS A 40 0.08 -5.09 -19.04
CA HIS A 40 -0.39 -5.48 -17.72
C HIS A 40 0.56 -6.52 -17.07
N PRO A 41 1.80 -6.10 -16.78
CA PRO A 41 2.73 -7.05 -16.14
C PRO A 41 2.27 -7.53 -14.76
N ASP A 42 2.70 -8.74 -14.40
CA ASP A 42 2.51 -9.28 -13.06
C ASP A 42 3.24 -8.39 -12.06
N LYS A 43 2.64 -8.20 -10.88
CA LYS A 43 3.29 -7.48 -9.78
C LYS A 43 3.77 -6.08 -10.19
N LEU A 44 2.98 -5.40 -11.03
CA LEU A 44 3.44 -4.13 -11.59
C LEU A 44 3.69 -3.07 -10.52
N GLU A 45 2.93 -3.13 -9.43
CA GLU A 45 3.08 -2.20 -8.31
C GLU A 45 4.39 -2.38 -7.52
N GLU A 46 4.97 -3.58 -7.59
CA GLU A 46 6.33 -3.86 -7.09
C GLU A 46 7.41 -3.56 -8.15
N LYS A 47 7.12 -3.88 -9.41
CA LYS A 47 8.06 -3.64 -10.51
C LYS A 47 8.31 -2.17 -10.74
N PHE A 48 7.25 -1.38 -10.69
CA PHE A 48 7.36 0.05 -11.01
C PHE A 48 8.46 0.78 -10.23
N PRO A 49 8.42 0.73 -8.87
CA PRO A 49 9.44 1.46 -8.12
C PRO A 49 10.88 0.99 -8.37
N GLN A 50 11.05 -0.30 -8.72
CA GLN A 50 12.37 -0.83 -9.02
C GLN A 50 12.90 -0.28 -10.37
N VAL A 51 12.11 -0.40 -11.42
CA VAL A 51 12.51 0.05 -12.78
C VAL A 51 12.52 1.58 -12.95
N ALA A 52 11.57 2.26 -12.31
CA ALA A 52 11.52 3.72 -12.38
C ALA A 52 12.70 4.38 -11.68
N ALA A 53 13.20 3.73 -10.62
CA ALA A 53 14.38 4.25 -9.90
C ALA A 53 15.65 4.30 -10.77
N THR A 54 15.69 3.48 -11.82
CA THR A 54 16.80 3.47 -12.81
C THR A 54 16.53 4.34 -14.05
N GLY A 55 15.45 5.12 -14.03
CA GLY A 55 15.05 5.92 -15.18
C GLY A 55 14.37 5.15 -16.30
N ASP A 56 13.83 3.98 -15.95
CA ASP A 56 13.17 3.10 -16.87
C ASP A 56 11.67 3.01 -16.50
N GLY A 57 10.95 2.07 -17.11
CA GLY A 57 9.56 1.80 -16.76
C GLY A 57 8.58 2.41 -17.77
N PRO A 58 7.28 2.35 -17.48
CA PRO A 58 6.28 2.95 -18.36
C PRO A 58 6.26 4.46 -18.23
N ASP A 59 5.71 5.13 -19.24
CA ASP A 59 5.43 6.56 -19.14
C ASP A 59 4.31 6.83 -18.13
N ILE A 60 3.30 5.96 -18.12
CA ILE A 60 2.12 6.13 -17.26
C ILE A 60 1.90 4.84 -16.48
N ILE A 61 1.67 4.96 -15.17
CA ILE A 61 1.31 3.82 -14.30
C ILE A 61 -0.07 4.03 -13.68
N PHE A 62 -0.93 3.02 -13.80
CA PHE A 62 -2.23 2.97 -13.14
C PHE A 62 -2.18 2.03 -11.93
N TRP A 63 -2.63 2.52 -10.80
CA TRP A 63 -2.84 1.70 -9.61
C TRP A 63 -3.78 2.48 -8.71
N ALA A 64 -4.34 1.83 -7.70
CA ALA A 64 -5.01 2.55 -6.62
C ALA A 64 -4.02 3.55 -6.00
N HIS A 65 -4.58 4.64 -5.50
CA HIS A 65 -3.80 5.77 -5.01
C HIS A 65 -2.90 5.47 -3.81
N ASP A 66 -3.17 4.38 -3.07
CA ASP A 66 -2.41 4.08 -1.85
C ASP A 66 -0.91 3.91 -2.10
N ARG A 67 -0.53 3.41 -3.27
CA ARG A 67 0.89 3.16 -3.58
C ARG A 67 1.64 4.42 -4.02
N PHE A 68 0.93 5.47 -4.39
CA PHE A 68 1.53 6.62 -5.06
CA PHE A 68 1.54 6.62 -5.07
C PHE A 68 2.37 7.54 -4.17
N GLY A 69 2.03 7.62 -2.89
CA GLY A 69 2.85 8.43 -1.96
C GLY A 69 4.27 7.93 -1.84
N GLY A 70 4.43 6.62 -1.73
CA GLY A 70 5.73 5.98 -1.75
C GLY A 70 6.50 6.29 -3.03
N TYR A 71 5.84 6.19 -4.17
CA TYR A 71 6.47 6.50 -5.45
C TYR A 71 6.92 7.96 -5.51
N ALA A 72 6.05 8.85 -5.04
CA ALA A 72 6.34 10.29 -5.01
C ALA A 72 7.48 10.63 -4.06
N GLN A 73 7.47 10.02 -2.89
CA GLN A 73 8.56 10.20 -1.92
C GLN A 73 9.92 9.78 -2.49
N SER A 74 9.90 8.76 -3.34
CA SER A 74 11.09 8.24 -4.03
C SER A 74 11.51 9.02 -5.29
N GLY A 75 10.79 10.08 -5.63
CA GLY A 75 11.07 10.90 -6.79
C GLY A 75 10.71 10.29 -8.14
N LEU A 76 9.75 9.35 -8.14
CA LEU A 76 9.43 8.59 -9.35
C LEU A 76 8.25 9.13 -10.14
N LEU A 77 7.56 10.13 -9.60
CA LEU A 77 6.38 10.70 -10.24
C LEU A 77 6.51 12.18 -10.56
N ALA A 78 6.02 12.56 -11.75
CA ALA A 78 5.96 13.96 -12.14
C ALA A 78 4.80 14.63 -11.42
N GLU A 79 5.00 15.88 -11.00
CA GLU A 79 3.90 16.66 -10.44
C GLU A 79 2.86 16.96 -11.54
N ILE A 80 1.59 16.81 -11.17
CA ILE A 80 0.43 16.99 -12.05
C ILE A 80 -0.09 18.42 -11.80
N THR A 81 -0.27 19.20 -12.88
CA THR A 81 -0.70 20.61 -12.77
C THR A 81 -1.85 20.94 -13.73
N PRO A 82 -3.01 20.31 -13.51
CA PRO A 82 -4.12 20.62 -14.39
C PRO A 82 -4.63 22.03 -14.11
N ASP A 83 -5.20 22.67 -15.12
CA ASP A 83 -5.82 23.98 -14.92
C ASP A 83 -7.12 23.85 -14.14
N LYS A 84 -7.63 24.97 -13.65
CA LYS A 84 -8.87 25.00 -12.88
C LYS A 84 -10.03 24.36 -13.63
N ALA A 85 -10.17 24.69 -14.92
CA ALA A 85 -11.24 24.14 -15.73
C ALA A 85 -11.24 22.62 -15.71
N PHE A 86 -10.05 22.02 -15.82
CA PHE A 86 -9.98 20.57 -15.79
C PHE A 86 -10.23 20.03 -14.37
N GLN A 87 -9.57 20.60 -13.37
CA GLN A 87 -9.74 20.14 -12.00
C GLN A 87 -11.20 20.13 -11.56
N ASP A 88 -11.95 21.16 -11.99
CA ASP A 88 -13.35 21.28 -11.60
C ASP A 88 -14.25 20.20 -12.20
N LYS A 89 -13.77 19.50 -13.23
CA LYS A 89 -14.53 18.42 -13.84
C LYS A 89 -14.52 17.11 -13.05
N LEU A 90 -13.62 16.99 -12.07
CA LEU A 90 -13.53 15.81 -11.21
C LEU A 90 -13.93 16.14 -9.78
N TYR A 91 -14.46 15.15 -9.06
CA TYR A 91 -14.88 15.37 -7.68
C TYR A 91 -13.69 15.75 -6.80
N PRO A 92 -13.83 16.79 -5.96
CA PRO A 92 -12.69 17.20 -5.12
C PRO A 92 -12.08 16.12 -4.25
N PHE A 93 -12.90 15.21 -3.73
CA PHE A 93 -12.37 14.15 -2.86
C PHE A 93 -11.43 13.21 -3.62
N THR A 94 -11.63 13.08 -4.94
CA THR A 94 -10.74 12.25 -5.76
C THR A 94 -9.35 12.90 -5.94
N TRP A 95 -9.31 14.21 -6.15
CA TRP A 95 -8.04 14.95 -6.13
C TRP A 95 -7.33 14.83 -4.77
N ASP A 96 -8.10 14.86 -3.67
CA ASP A 96 -7.53 14.69 -2.34
C ASP A 96 -6.76 13.37 -2.19
N ALA A 97 -7.28 12.30 -2.80
CA ALA A 97 -6.63 10.99 -2.79
C ALA A 97 -5.24 10.94 -3.46
N VAL A 98 -5.02 11.82 -4.43
CA VAL A 98 -3.77 11.92 -5.20
C VAL A 98 -2.91 13.14 -4.85
N ARG A 99 -3.17 13.75 -3.68
CA ARG A 99 -2.34 14.83 -3.15
C ARG A 99 -1.36 14.26 -2.11
N TYR A 100 -0.08 14.64 -2.26
CA TYR A 100 0.98 14.17 -1.39
C TYR A 100 1.93 15.35 -1.16
N ASN A 101 2.14 15.67 0.12
CA ASN A 101 2.98 16.80 0.53
C ASN A 101 2.60 18.07 -0.23
N GLY A 102 1.28 18.29 -0.32
CA GLY A 102 0.70 19.47 -0.95
C GLY A 102 0.67 19.53 -2.47
N LYS A 103 1.15 18.48 -3.13
CA LYS A 103 1.28 18.45 -4.59
C LYS A 103 0.41 17.31 -5.14
N LEU A 104 -0.19 17.54 -6.31
CA LEU A 104 -0.89 16.47 -7.02
C LEU A 104 0.13 15.59 -7.74
N ILE A 105 0.01 14.28 -7.52
CA ILE A 105 0.99 13.30 -8.03
C ILE A 105 0.41 12.28 -9.03
N ALA A 106 -0.89 12.41 -9.34
CA ALA A 106 -1.55 11.52 -10.29
C ALA A 106 -2.89 12.12 -10.68
N TYR A 107 -3.46 11.60 -11.76
CA TYR A 107 -4.85 11.89 -12.14
C TYR A 107 -5.75 10.83 -11.53
N PRO A 108 -6.80 11.23 -10.79
CA PRO A 108 -7.77 10.25 -10.33
C PRO A 108 -8.69 9.80 -11.45
N ILE A 109 -9.06 8.51 -11.44
CA ILE A 109 -9.87 7.91 -12.49
C ILE A 109 -11.22 7.45 -11.97
N ALA A 110 -11.19 6.63 -10.91
CA ALA A 110 -12.42 6.04 -10.37
C ALA A 110 -12.29 5.54 -8.94
N VAL A 111 -13.42 5.53 -8.24
CA VAL A 111 -13.49 5.11 -6.85
C VAL A 111 -13.95 3.65 -6.81
N GLU A 112 -13.14 2.83 -6.13
CA GLU A 112 -13.34 1.40 -6.02
C GLU A 112 -13.61 1.04 -4.55
N ALA A 113 -14.65 0.23 -4.31
CA ALA A 113 -14.88 -0.37 -3.01
C ALA A 113 -15.41 -1.78 -3.25
N LEU A 114 -15.04 -2.70 -2.38
CA LEU A 114 -15.60 -4.04 -2.39
C LEU A 114 -17.06 -4.03 -1.97
N SER A 115 -17.83 -4.92 -2.58
CA SER A 115 -19.20 -5.20 -2.19
C SER A 115 -19.40 -6.71 -2.04
N LEU A 116 -20.50 -7.07 -1.39
CA LEU A 116 -20.98 -8.45 -1.38
C LEU A 116 -21.74 -8.70 -2.68
N ILE A 117 -21.32 -9.72 -3.42
CA ILE A 117 -21.97 -10.12 -4.67
C ILE A 117 -22.63 -11.46 -4.40
N TYR A 118 -23.91 -11.59 -4.73
CA TYR A 118 -24.66 -12.81 -4.39
C TYR A 118 -25.50 -13.29 -5.56
N ASN A 119 -25.67 -14.62 -5.61
CA ASN A 119 -26.45 -15.29 -6.62
C ASN A 119 -27.90 -15.37 -6.11
N LYS A 120 -28.78 -14.60 -6.75
CA LYS A 120 -30.19 -14.51 -6.39
C LYS A 120 -30.97 -15.81 -6.59
N ASP A 121 -30.49 -16.66 -7.48
CA ASP A 121 -31.08 -17.99 -7.67
C ASP A 121 -30.76 -18.99 -6.56
N LEU A 122 -29.66 -18.77 -5.85
CA LEU A 122 -29.34 -19.57 -4.65
C LEU A 122 -29.79 -18.92 -3.36
N LEU A 123 -29.71 -17.59 -3.34
CA LEU A 123 -29.87 -16.81 -2.13
C LEU A 123 -30.69 -15.57 -2.48
N PRO A 124 -32.04 -15.70 -2.52
CA PRO A 124 -32.87 -14.57 -2.88
C PRO A 124 -32.62 -13.33 -2.05
N ASN A 125 -32.33 -13.54 -0.76
CA ASN A 125 -31.93 -12.46 0.13
C ASN A 125 -30.57 -12.72 0.75
N PRO A 126 -29.63 -11.77 0.57
CA PRO A 126 -28.29 -11.98 1.12
C PRO A 126 -28.28 -11.86 2.66
N PRO A 127 -27.31 -12.49 3.33
CA PRO A 127 -27.21 -12.34 4.78
C PRO A 127 -26.78 -10.92 5.15
N LYS A 128 -27.42 -10.39 6.19
CA LYS A 128 -27.05 -9.11 6.74
C LYS A 128 -25.86 -9.15 7.68
N THR A 129 -25.53 -10.34 8.20
CA THR A 129 -24.45 -10.51 9.18
C THR A 129 -23.45 -11.59 8.77
N TRP A 130 -22.19 -11.41 9.15
CA TRP A 130 -21.20 -12.46 8.99
C TRP A 130 -21.57 -13.69 9.84
N GLU A 131 -22.13 -13.45 11.01
CA GLU A 131 -22.41 -14.49 11.99
C GLU A 131 -23.39 -15.55 11.51
N GLU A 132 -24.28 -15.17 10.58
CA GLU A 132 -25.24 -16.12 10.02
C GLU A 132 -24.71 -16.98 8.86
N ILE A 133 -23.49 -16.69 8.39
CA ILE A 133 -22.94 -17.39 7.24
C ILE A 133 -22.67 -18.89 7.51
N PRO A 134 -22.15 -19.25 8.71
CA PRO A 134 -21.98 -20.68 8.98
C PRO A 134 -23.26 -21.52 8.83
N ALA A 135 -24.37 -21.05 9.38
CA ALA A 135 -25.66 -21.75 9.24
C ALA A 135 -26.12 -21.80 7.80
N LEU A 136 -25.90 -20.71 7.07
CA LEU A 136 -26.25 -20.64 5.66
C LEU A 136 -25.42 -21.62 4.83
N ASP A 137 -24.14 -21.73 5.16
CA ASP A 137 -23.28 -22.70 4.48
C ASP A 137 -23.76 -24.11 4.74
N LYS A 138 -24.18 -24.42 5.97
CA LYS A 138 -24.72 -25.74 6.27
C LYS A 138 -25.96 -26.06 5.41
N GLU A 139 -26.87 -25.10 5.28
CA GLU A 139 -28.06 -25.28 4.41
C GLU A 139 -27.65 -25.51 2.95
N LEU A 140 -26.71 -24.70 2.46
CA LEU A 140 -26.29 -24.79 1.06
C LEU A 140 -25.47 -26.05 0.76
N LYS A 141 -24.63 -26.47 1.69
CA LYS A 141 -23.84 -27.72 1.53
C LYS A 141 -24.71 -28.95 1.34
N ALA A 142 -25.84 -28.98 2.04
CA ALA A 142 -26.82 -30.06 1.88
C ALA A 142 -27.42 -30.12 0.46
N LYS A 143 -27.38 -29.00 -0.26
CA LYS A 143 -27.82 -28.90 -1.67
C LYS A 143 -26.69 -28.91 -2.70
N GLY A 144 -25.46 -29.19 -2.26
CA GLY A 144 -24.29 -29.22 -3.13
C GLY A 144 -23.69 -27.88 -3.53
N LYS A 145 -23.89 -26.86 -2.69
CA LYS A 145 -23.36 -25.53 -2.91
C LYS A 145 -22.63 -25.09 -1.65
N SER A 146 -21.95 -23.95 -1.74
CA SER A 146 -21.36 -23.33 -0.56
C SER A 146 -21.86 -21.91 -0.47
N ALA A 147 -21.74 -21.33 0.73
CA ALA A 147 -22.19 -19.96 0.97
C ALA A 147 -21.30 -18.90 0.32
N LEU A 148 -19.99 -18.97 0.57
CA LEU A 148 -19.09 -17.83 0.31
C LEU A 148 -17.69 -18.25 -0.10
N MET A 149 -17.20 -17.66 -1.18
CA MET A 149 -15.80 -17.82 -1.59
C MET A 149 -15.27 -16.51 -2.08
N PHE A 150 -14.12 -16.13 -1.55
CA PHE A 150 -13.43 -14.92 -1.98
C PHE A 150 -11.93 -15.08 -1.79
N ASN A 151 -11.18 -14.15 -2.38
CA ASN A 151 -9.73 -14.22 -2.41
C ASN A 151 -9.14 -14.06 -1.01
N LEU A 152 -8.57 -15.14 -0.47
CA LEU A 152 -7.89 -15.10 0.85
C LEU A 152 -6.38 -14.87 0.76
N GLN A 153 -5.87 -14.56 -0.43
CA GLN A 153 -4.43 -14.36 -0.63
C GLN A 153 -4.02 -12.90 -0.62
N GLU A 154 -4.98 -12.01 -0.77
CA GLU A 154 -4.72 -10.56 -0.76
C GLU A 154 -5.51 -9.96 0.39
N PRO A 155 -4.82 -9.23 1.29
CA PRO A 155 -5.51 -8.73 2.48
C PRO A 155 -6.57 -7.64 2.22
N TYR A 156 -6.55 -7.04 1.03
CA TYR A 156 -7.61 -6.13 0.59
C TYR A 156 -9.01 -6.71 0.81
N PHE A 157 -9.15 -8.02 0.58
CA PHE A 157 -10.45 -8.66 0.63
C PHE A 157 -10.89 -9.03 2.05
N THR A 158 -9.93 -9.28 2.94
CA THR A 158 -10.20 -9.64 4.34
CA THR A 158 -10.19 -9.66 4.34
C THR A 158 -10.23 -8.44 5.28
N TRP A 159 -9.54 -7.37 4.90
CA TRP A 159 -9.53 -6.14 5.68
C TRP A 159 -10.91 -5.64 6.14
N PRO A 160 -11.94 -5.69 5.26
CA PRO A 160 -13.24 -5.15 5.75
C PRO A 160 -13.75 -5.81 7.03
N LEU A 161 -13.50 -7.12 7.16
CA LEU A 161 -13.86 -7.88 8.34
C LEU A 161 -12.94 -7.61 9.54
N ILE A 162 -11.63 -7.51 9.29
CA ILE A 162 -10.66 -7.14 10.33
C ILE A 162 -10.94 -5.74 10.91
N ALA A 163 -11.31 -4.81 10.04
CA ALA A 163 -11.58 -3.42 10.45
C ALA A 163 -12.91 -3.27 11.19
N ALA A 164 -13.86 -4.17 10.95
CA ALA A 164 -15.25 -3.99 11.41
C ALA A 164 -15.39 -3.73 12.91
N ASP A 165 -14.76 -4.56 13.73
CA ASP A 165 -14.86 -4.46 15.20
C ASP A 165 -13.74 -3.62 15.83
N GLY A 166 -12.93 -2.94 15.03
CA GLY A 166 -11.96 -2.00 15.58
C GLY A 166 -10.53 -2.09 15.10
N GLY A 167 -10.22 -3.00 14.19
CA GLY A 167 -8.91 -2.97 13.54
C GLY A 167 -8.75 -1.70 12.72
N TYR A 168 -7.53 -1.17 12.66
CA TYR A 168 -7.20 -0.04 11.82
C TYR A 168 -5.72 -0.08 11.42
N ALA A 169 -5.40 0.60 10.32
CA ALA A 169 -4.02 0.68 9.84
C ALA A 169 -3.29 1.76 10.61
N PHE A 170 -3.64 3.02 10.35
CA PHE A 170 -3.04 4.19 10.98
C PHE A 170 -4.21 5.01 11.50
N LYS A 171 -4.20 5.35 12.80
CA LYS A 171 -5.32 6.07 13.43
C LYS A 171 -5.56 7.44 12.78
N TYR A 172 -6.83 7.78 12.55
CA TYR A 172 -7.20 9.08 11.96
C TYR A 172 -8.15 9.85 12.89
N GLU A 173 -7.67 10.97 13.45
CA GLU A 173 -8.46 11.83 14.37
C GLU A 173 -8.13 13.33 14.18
N ASN A 174 -9.12 14.17 14.51
CA ASN A 174 -9.06 15.63 14.29
C ASN A 174 -8.46 16.01 12.93
N GLY A 175 -8.93 15.32 11.88
CA GLY A 175 -8.48 15.54 10.51
C GLY A 175 -7.03 15.20 10.21
N LYS A 176 -6.47 14.24 10.95
CA LYS A 176 -5.05 13.88 10.85
C LYS A 176 -4.76 12.41 11.19
N TYR A 177 -3.81 11.83 10.45
CA TYR A 177 -3.25 10.53 10.80
C TYR A 177 -2.21 10.65 11.90
N ASP A 178 -2.29 9.75 12.87
CA ASP A 178 -1.19 9.47 13.78
C ASP A 178 -0.56 8.20 13.22
N ILE A 179 0.51 8.38 12.46
CA ILE A 179 1.26 7.29 11.85
C ILE A 179 1.93 6.45 12.93
N LYS A 180 2.10 6.99 14.14
CA LYS A 180 2.67 6.22 15.24
C LYS A 180 1.66 5.26 15.87
N ASP A 181 0.36 5.44 15.58
CA ASP A 181 -0.73 4.68 16.17
C ASP A 181 -1.29 3.68 15.15
N VAL A 182 -0.84 2.43 15.29
CA VAL A 182 -1.20 1.34 14.38
C VAL A 182 -2.15 0.38 15.10
N GLY A 183 -3.18 -0.08 14.39
CA GLY A 183 -4.29 -0.85 15.01
C GLY A 183 -4.48 -2.26 14.49
N VAL A 184 -3.37 -2.93 14.19
CA VAL A 184 -3.39 -4.24 13.55
C VAL A 184 -3.52 -5.38 14.56
N ASP A 185 -3.02 -5.21 15.78
CA ASP A 185 -3.08 -6.28 16.78
C ASP A 185 -3.97 -6.00 18.00
N ASN A 186 -4.97 -5.16 17.82
CA ASN A 186 -5.93 -4.88 18.89
C ASN A 186 -7.05 -5.94 18.94
N ALA A 187 -7.88 -5.88 19.97
CA ALA A 187 -8.97 -6.86 20.18
C ALA A 187 -9.94 -6.94 19.00
N GLY A 188 -10.22 -5.80 18.37
CA GLY A 188 -11.10 -5.76 17.21
C GLY A 188 -10.54 -6.49 16.00
N ALA A 189 -9.27 -6.23 15.68
CA ALA A 189 -8.59 -6.92 14.59
C ALA A 189 -8.54 -8.42 14.85
N LYS A 190 -8.23 -8.79 16.09
CA LYS A 190 -8.19 -10.19 16.50
C LYS A 190 -9.53 -10.89 16.34
N ALA A 191 -10.62 -10.21 16.73
CA ALA A 191 -11.97 -10.77 16.62
C ALA A 191 -12.32 -11.05 15.17
N GLY A 192 -12.05 -10.09 14.30
CA GLY A 192 -12.32 -10.27 12.87
C GLY A 192 -11.54 -11.41 12.25
N LEU A 193 -10.24 -11.44 12.49
CA LEU A 193 -9.40 -12.47 11.88
C LEU A 193 -9.71 -13.84 12.50
N THR A 194 -10.01 -13.88 13.78
CA THR A 194 -10.47 -15.13 14.42
C THR A 194 -11.76 -15.65 13.78
N PHE A 195 -12.68 -14.76 13.47
CA PHE A 195 -13.90 -15.17 12.77
C PHE A 195 -13.56 -15.82 11.41
N LEU A 196 -12.68 -15.19 10.63
CA LEU A 196 -12.20 -15.74 9.35
C LEU A 196 -11.54 -17.12 9.54
N VAL A 197 -10.64 -17.23 10.52
CA VAL A 197 -9.93 -18.49 10.74
C VAL A 197 -10.90 -19.61 11.16
N ASP A 198 -11.88 -19.26 11.97
CA ASP A 198 -12.94 -20.20 12.36
C ASP A 198 -13.78 -20.68 11.18
N LEU A 199 -14.10 -19.78 10.25
CA LEU A 199 -14.77 -20.21 9.00
C LEU A 199 -13.97 -21.29 8.29
N ILE A 200 -12.65 -21.12 8.26
CA ILE A 200 -11.75 -22.08 7.63
C ILE A 200 -11.69 -23.39 8.45
N LYS A 201 -11.48 -23.28 9.76
CA LYS A 201 -11.47 -24.45 10.67
C LYS A 201 -12.72 -25.29 10.54
N ASN A 202 -13.86 -24.62 10.42
CA ASN A 202 -15.16 -25.28 10.30
C ASN A 202 -15.56 -25.65 8.86
N LYS A 203 -14.63 -25.52 7.93
CA LYS A 203 -14.75 -25.96 6.53
C LYS A 203 -15.80 -25.20 5.72
N HIS A 204 -16.11 -23.97 6.16
CA HIS A 204 -16.96 -23.05 5.37
C HIS A 204 -16.16 -22.31 4.30
N MET A 205 -14.85 -22.18 4.51
CA MET A 205 -13.92 -21.67 3.49
C MET A 205 -12.63 -22.48 3.53
N ASN A 206 -11.83 -22.31 2.49
CA ASN A 206 -10.57 -23.02 2.27
C ASN A 206 -9.46 -21.98 2.19
N ALA A 207 -8.42 -22.15 3.02
CA ALA A 207 -7.29 -21.20 3.06
C ALA A 207 -6.62 -20.95 1.72
N ASP A 208 -6.66 -21.93 0.80
CA ASP A 208 -5.99 -21.81 -0.49
C ASP A 208 -6.78 -21.02 -1.54
N THR A 209 -8.03 -20.67 -1.25
CA THR A 209 -8.84 -19.93 -2.22
C THR A 209 -8.18 -18.60 -2.60
N ASP A 210 -8.02 -18.41 -3.90
CA ASP A 210 -7.46 -17.19 -4.47
C ASP A 210 -8.47 -16.50 -5.39
N TYR A 211 -8.03 -15.47 -6.09
CA TYR A 211 -8.93 -14.70 -6.94
C TYR A 211 -9.59 -15.58 -8.00
N SER A 212 -8.79 -16.34 -8.72
CA SER A 212 -9.30 -17.14 -9.84
CA SER A 212 -9.30 -17.14 -9.84
CA SER A 212 -9.27 -17.16 -9.84
C SER A 212 -10.25 -18.24 -9.38
N ILE A 213 -9.92 -18.90 -8.28
CA ILE A 213 -10.75 -19.97 -7.73
C ILE A 213 -12.12 -19.45 -7.29
N ALA A 214 -12.13 -18.34 -6.56
CA ALA A 214 -13.40 -17.76 -6.10
C ALA A 214 -14.25 -17.26 -7.27
N GLU A 215 -13.61 -16.60 -8.24
CA GLU A 215 -14.30 -16.09 -9.43
C GLU A 215 -14.95 -17.22 -10.22
N ALA A 216 -14.19 -18.28 -10.46
CA ALA A 216 -14.71 -19.44 -11.20
C ALA A 216 -15.88 -20.11 -10.47
N ALA A 217 -15.75 -20.29 -9.15
CA ALA A 217 -16.81 -20.90 -8.36
C ALA A 217 -18.12 -20.09 -8.40
N PHE A 218 -18.02 -18.77 -8.24
CA PHE A 218 -19.21 -17.91 -8.29
C PHE A 218 -19.82 -17.90 -9.70
N ASN A 219 -18.98 -17.74 -10.71
CA ASN A 219 -19.46 -17.60 -12.07
C ASN A 219 -20.01 -18.91 -12.65
N LYS A 220 -19.62 -20.05 -12.05
CA LYS A 220 -20.21 -21.37 -12.35
C LYS A 220 -21.44 -21.74 -11.49
N GLY A 221 -21.83 -20.90 -10.53
CA GLY A 221 -22.98 -21.17 -9.68
C GLY A 221 -22.76 -22.16 -8.57
N GLU A 222 -21.50 -22.39 -8.20
CA GLU A 222 -21.15 -23.36 -7.14
C GLU A 222 -21.20 -22.76 -5.75
N THR A 223 -20.91 -21.47 -5.65
CA THR A 223 -20.96 -20.73 -4.38
C THR A 223 -21.97 -19.58 -4.51
N ALA A 224 -22.66 -19.29 -3.42
CA ALA A 224 -23.76 -18.31 -3.42
C ALA A 224 -23.32 -16.86 -3.34
N MET A 225 -22.11 -16.62 -2.83
CA MET A 225 -21.62 -15.27 -2.60
C MET A 225 -20.13 -15.17 -2.85
N THR A 226 -19.71 -13.96 -3.20
CA THR A 226 -18.30 -13.62 -3.28
C THR A 226 -18.15 -12.16 -2.84
N ILE A 227 -16.90 -11.73 -2.66
CA ILE A 227 -16.58 -10.36 -2.30
C ILE A 227 -15.62 -9.88 -3.38
N ASN A 228 -16.00 -8.82 -4.07
CA ASN A 228 -15.20 -8.31 -5.15
C ASN A 228 -15.59 -6.89 -5.53
N GLY A 229 -14.80 -6.29 -6.41
CA GLY A 229 -15.00 -4.93 -6.84
C GLY A 229 -15.66 -4.86 -8.21
N PRO A 230 -15.90 -3.62 -8.68
CA PRO A 230 -16.64 -3.41 -9.94
C PRO A 230 -16.04 -4.07 -11.16
N TRP A 231 -14.72 -4.18 -11.20
CA TRP A 231 -13.99 -4.81 -12.30
C TRP A 231 -14.47 -6.23 -12.57
N ALA A 232 -14.96 -6.91 -11.52
CA ALA A 232 -15.44 -8.29 -11.62
C ALA A 232 -16.79 -8.47 -12.32
N TRP A 233 -17.55 -7.39 -12.47
CA TRP A 233 -18.94 -7.53 -12.93
C TRP A 233 -19.04 -8.01 -14.39
N SER A 234 -18.05 -7.68 -15.22
CA SER A 234 -18.04 -8.10 -16.64
C SER A 234 -18.09 -9.60 -16.80
N ASN A 235 -17.19 -10.29 -16.10
CA ASN A 235 -17.14 -11.74 -16.17
C ASN A 235 -18.41 -12.39 -15.60
N ILE A 236 -19.00 -11.77 -14.58
CA ILE A 236 -20.27 -12.29 -14.03
C ILE A 236 -21.41 -12.12 -15.04
N ASP A 237 -21.47 -10.95 -15.68
CA ASP A 237 -22.43 -10.72 -16.79
C ASP A 237 -22.35 -11.80 -17.85
N THR A 238 -21.12 -12.09 -18.31
CA THR A 238 -20.85 -13.14 -19.31
C THR A 238 -21.32 -14.52 -18.85
N SER A 239 -21.16 -14.83 -17.57
CA SER A 239 -21.60 -16.10 -16.98
C SER A 239 -23.12 -16.31 -16.93
N LYS A 240 -23.87 -15.20 -17.00
CA LYS A 240 -25.32 -15.14 -16.91
C LYS A 240 -25.90 -15.52 -15.54
N VAL A 241 -25.07 -15.51 -14.50
CA VAL A 241 -25.57 -15.68 -13.14
C VAL A 241 -26.49 -14.49 -12.83
N ASN A 242 -27.60 -14.79 -12.16
CA ASN A 242 -28.56 -13.79 -11.70
C ASN A 242 -28.04 -13.20 -10.40
N TYR A 243 -27.22 -12.15 -10.52
CA TYR A 243 -26.50 -11.64 -9.37
C TYR A 243 -27.00 -10.28 -8.89
N GLY A 244 -26.76 -10.02 -7.61
CA GLY A 244 -26.97 -8.74 -6.99
C GLY A 244 -25.67 -8.28 -6.36
N VAL A 245 -25.57 -6.97 -6.16
CA VAL A 245 -24.42 -6.32 -5.50
C VAL A 245 -25.00 -5.54 -4.34
N THR A 246 -24.47 -5.77 -3.15
CA THR A 246 -25.07 -5.21 -1.95
C THR A 246 -24.06 -4.90 -0.86
N VAL A 247 -24.57 -4.32 0.20
CA VAL A 247 -23.80 -3.99 1.39
C VAL A 247 -23.12 -5.25 1.95
N LEU A 248 -21.87 -5.11 2.37
CA LEU A 248 -21.15 -6.19 2.99
C LEU A 248 -21.83 -6.56 4.32
N PRO A 249 -21.70 -7.80 4.78
CA PRO A 249 -22.35 -8.14 6.04
C PRO A 249 -21.72 -7.43 7.25
N THR A 250 -22.50 -7.24 8.29
CA THR A 250 -22.00 -6.67 9.53
C THR A 250 -21.28 -7.72 10.36
N PHE A 251 -20.41 -7.26 11.27
CA PHE A 251 -19.73 -8.15 12.21
C PHE A 251 -19.84 -7.53 13.60
N LYS A 252 -20.31 -8.32 14.56
CA LYS A 252 -20.62 -7.84 15.91
C LYS A 252 -21.46 -6.57 15.85
N GLY A 253 -22.40 -6.55 14.90
CA GLY A 253 -23.32 -5.43 14.70
C GLY A 253 -22.79 -4.19 14.03
N GLN A 254 -21.54 -4.21 13.59
CA GLN A 254 -20.87 -3.06 13.01
C GLN A 254 -20.61 -3.31 11.53
N PRO A 255 -20.64 -2.24 10.71
CA PRO A 255 -20.40 -2.45 9.29
C PRO A 255 -19.01 -2.99 9.00
N SER A 256 -18.92 -3.85 7.99
CA SER A 256 -17.62 -4.11 7.37
C SER A 256 -17.14 -2.80 6.76
N LYS A 257 -15.84 -2.57 6.88
CA LYS A 257 -15.23 -1.30 6.54
C LYS A 257 -14.16 -1.51 5.46
N PRO A 258 -14.57 -1.54 4.18
CA PRO A 258 -13.55 -1.72 3.14
C PRO A 258 -12.59 -0.53 3.05
N PHE A 259 -11.33 -0.81 2.71
CA PHE A 259 -10.39 0.24 2.36
C PHE A 259 -10.68 0.65 0.92
N VAL A 260 -11.02 1.93 0.74
CA VAL A 260 -11.50 2.48 -0.54
C VAL A 260 -10.29 2.98 -1.34
N GLY A 261 -10.18 2.53 -2.59
CA GLY A 261 -9.14 2.92 -3.51
C GLY A 261 -9.68 3.83 -4.61
N VAL A 262 -8.84 4.76 -5.03
CA VAL A 262 -9.07 5.60 -6.18
C VAL A 262 -8.05 5.16 -7.22
N LEU A 263 -8.51 4.46 -8.25
CA LEU A 263 -7.67 4.11 -9.39
C LEU A 263 -7.14 5.42 -9.94
N SER A 264 -5.81 5.52 -10.05
CA SER A 264 -5.13 6.76 -10.44
C SER A 264 -4.07 6.50 -11.47
N ALA A 265 -3.74 7.54 -12.23
CA ALA A 265 -2.74 7.45 -13.28
C ALA A 265 -1.62 8.44 -13.01
N GLY A 266 -0.41 7.92 -12.80
CA GLY A 266 0.76 8.76 -12.55
C GLY A 266 1.68 8.76 -13.75
N ILE A 267 2.44 9.83 -13.87
CA ILE A 267 3.39 10.01 -14.95
C ILE A 267 4.79 9.80 -14.38
N ASN A 268 5.52 8.88 -15.00
CA ASN A 268 6.91 8.60 -14.63
C ASN A 268 7.78 9.87 -14.72
N ALA A 269 8.46 10.20 -13.64
CA ALA A 269 9.38 11.35 -13.58
C ALA A 269 10.48 11.30 -14.65
N ALA A 270 10.87 10.08 -15.05
CA ALA A 270 11.87 9.85 -16.07
C ALA A 270 11.34 9.90 -17.51
N SER A 271 10.04 10.09 -17.70
CA SER A 271 9.44 10.07 -19.04
C SER A 271 9.86 11.31 -19.82
N PRO A 272 10.32 11.13 -21.08
CA PRO A 272 10.48 12.29 -21.97
C PRO A 272 9.19 12.68 -22.72
N ASN A 273 8.08 12.04 -22.35
CA ASN A 273 6.79 12.17 -23.02
C ASN A 273 5.70 12.74 -22.10
N LYS A 274 6.10 13.56 -21.13
CA LYS A 274 5.16 14.06 -20.13
C LYS A 274 4.03 14.87 -20.74
N GLU A 275 4.32 15.70 -21.75
CA GLU A 275 3.26 16.50 -22.38
C GLU A 275 2.28 15.61 -23.13
N LEU A 276 2.79 14.58 -23.82
CA LEU A 276 1.92 13.60 -24.47
C LEU A 276 1.08 12.86 -23.45
N ALA A 277 1.68 12.48 -22.33
CA ALA A 277 0.96 11.78 -21.25
C ALA A 277 -0.17 12.62 -20.67
N LYS A 278 0.10 13.89 -20.37
CA LYS A 278 -0.93 14.83 -19.90
C LYS A 278 -2.07 15.00 -20.90
N GLU A 279 -1.72 15.17 -22.18
CA GLU A 279 -2.71 15.28 -23.23
C GLU A 279 -3.59 14.03 -23.31
N PHE A 280 -2.97 12.86 -23.28
CA PHE A 280 -3.69 11.60 -23.34
C PHE A 280 -4.67 11.48 -22.15
N LEU A 281 -4.17 11.73 -20.95
CA LEU A 281 -4.97 11.53 -19.75
C LEU A 281 -6.11 12.55 -19.62
N GLU A 282 -5.82 13.83 -19.87
CA GLU A 282 -6.83 14.87 -19.71
C GLU A 282 -7.85 14.90 -20.83
N ASN A 283 -7.38 14.78 -22.06
CA ASN A 283 -8.21 15.03 -23.25
C ASN A 283 -8.67 13.82 -24.03
N TYR A 284 -8.22 12.62 -23.63
CA TYR A 284 -8.67 11.37 -24.25
C TYR A 284 -9.29 10.46 -23.21
N LEU A 285 -8.56 10.13 -22.16
CA LEU A 285 -9.09 9.20 -21.15
C LEU A 285 -10.17 9.80 -20.26
N LEU A 286 -9.88 10.95 -19.64
CA LEU A 286 -10.81 11.56 -18.67
C LEU A 286 -11.85 12.42 -19.37
N THR A 287 -12.58 11.75 -20.24
CA THR A 287 -13.71 12.28 -21.00
C THR A 287 -14.82 11.23 -20.90
N ASP A 288 -16.05 11.61 -21.22
CA ASP A 288 -17.16 10.66 -21.21
C ASP A 288 -16.84 9.43 -22.11
N GLU A 289 -16.36 9.71 -23.33
CA GLU A 289 -16.03 8.68 -24.34
C GLU A 289 -14.90 7.76 -23.89
N GLY A 290 -13.86 8.35 -23.30
CA GLY A 290 -12.68 7.60 -22.87
C GLY A 290 -13.00 6.67 -21.73
N LEU A 291 -13.69 7.20 -20.73
CA LEU A 291 -14.08 6.40 -19.57
C LEU A 291 -15.08 5.33 -19.96
N GLU A 292 -16.00 5.64 -20.89
CA GLU A 292 -16.94 4.63 -21.36
C GLU A 292 -16.22 3.45 -22.02
N ALA A 293 -15.20 3.74 -22.83
CA ALA A 293 -14.44 2.68 -23.51
C ALA A 293 -13.81 1.72 -22.49
N VAL A 294 -13.21 2.26 -21.43
CA VAL A 294 -12.62 1.43 -20.39
C VAL A 294 -13.72 0.70 -19.59
N ASN A 295 -14.74 1.44 -19.18
CA ASN A 295 -15.84 0.91 -18.39
C ASN A 295 -16.61 -0.25 -19.06
N LYS A 296 -16.77 -0.16 -20.38
CA LYS A 296 -17.43 -1.22 -21.16
C LYS A 296 -16.62 -2.53 -21.19
N ASP A 297 -15.30 -2.41 -21.06
CA ASP A 297 -14.41 -3.56 -20.95
C ASP A 297 -14.53 -4.17 -19.53
N LYS A 298 -14.08 -3.45 -18.50
CA LYS A 298 -14.27 -3.86 -17.12
C LYS A 298 -14.73 -2.62 -16.35
N PRO A 299 -15.84 -2.73 -15.60
CA PRO A 299 -16.35 -1.53 -14.94
C PRO A 299 -15.36 -0.91 -13.97
N LEU A 300 -15.31 0.42 -14.00
CA LEU A 300 -14.38 1.21 -13.19
C LEU A 300 -14.84 1.45 -11.74
N GLY A 301 -16.14 1.38 -11.50
CA GLY A 301 -16.72 1.86 -10.24
C GLY A 301 -17.32 3.24 -10.43
N ALA A 302 -17.22 4.07 -9.40
CA ALA A 302 -17.78 5.43 -9.45
C ALA A 302 -16.70 6.36 -9.97
N VAL A 303 -16.82 6.76 -11.23
CA VAL A 303 -15.75 7.51 -11.88
C VAL A 303 -15.57 8.91 -11.28
N ALA A 304 -14.35 9.41 -11.40
CA ALA A 304 -13.98 10.73 -10.86
C ALA A 304 -14.58 11.88 -11.67
N LEU A 305 -14.86 11.61 -12.95
CA LEU A 305 -15.38 12.60 -13.87
C LEU A 305 -16.88 12.81 -13.62
N LYS A 306 -17.23 14.01 -13.16
CA LYS A 306 -18.60 14.29 -12.70
C LYS A 306 -19.66 14.00 -13.76
N SER A 307 -19.41 14.45 -14.99
CA SER A 307 -20.37 14.28 -16.10
C SER A 307 -20.72 12.82 -16.36
N TYR A 308 -19.71 11.95 -16.37
CA TYR A 308 -19.96 10.53 -16.62
C TYR A 308 -20.51 9.81 -15.38
N GLU A 309 -20.03 10.19 -14.20
CA GLU A 309 -20.55 9.62 -12.95
C GLU A 309 -22.05 9.86 -12.76
N GLU A 310 -22.55 11.00 -13.23
CA GLU A 310 -24.00 11.26 -13.18
C GLU A 310 -24.83 10.22 -13.93
N GLU A 311 -24.33 9.76 -15.09
CA GLU A 311 -24.95 8.64 -15.81
C GLU A 311 -24.85 7.33 -15.01
N LEU A 312 -23.63 6.99 -14.62
CA LEU A 312 -23.36 5.71 -13.92
C LEU A 312 -24.03 5.57 -12.55
N ALA A 313 -24.26 6.68 -11.86
CA ALA A 313 -24.81 6.67 -10.50
C ALA A 313 -26.22 6.06 -10.37
N LYS A 314 -26.96 6.03 -11.47
CA LYS A 314 -28.27 5.41 -11.56
C LYS A 314 -28.25 3.87 -11.46
N ASP A 315 -27.10 3.27 -11.70
CA ASP A 315 -26.90 1.83 -11.60
C ASP A 315 -26.89 1.39 -10.13
N PRO A 316 -27.81 0.47 -9.73
CA PRO A 316 -27.82 -0.05 -8.35
C PRO A 316 -26.52 -0.65 -7.84
N ARG A 317 -25.74 -1.21 -8.76
CA ARG A 317 -24.45 -1.80 -8.40
C ARG A 317 -23.45 -0.72 -7.96
N ILE A 318 -23.52 0.44 -8.61
CA ILE A 318 -22.70 1.59 -8.23
C ILE A 318 -23.19 2.22 -6.92
N ALA A 319 -24.51 2.29 -6.76
CA ALA A 319 -25.07 2.74 -5.48
C ALA A 319 -24.58 1.86 -4.33
N ALA A 320 -24.55 0.54 -4.53
CA ALA A 320 -24.03 -0.39 -3.52
C ALA A 320 -22.52 -0.22 -3.26
N THR A 321 -21.78 0.01 -4.35
CA THR A 321 -20.35 0.31 -4.27
C THR A 321 -20.12 1.53 -3.38
N MET A 322 -20.91 2.59 -3.61
CA MET A 322 -20.74 3.82 -2.85
C MET A 322 -21.26 3.71 -1.41
N GLU A 323 -22.28 2.88 -1.18
CA GLU A 323 -22.72 2.57 0.18
C GLU A 323 -21.61 1.90 1.00
N ASN A 324 -20.97 0.90 0.40
CA ASN A 324 -19.86 0.25 1.06
C ASN A 324 -18.67 1.18 1.25
N ALA A 325 -18.38 2.01 0.25
CA ALA A 325 -17.31 3.00 0.35
C ALA A 325 -17.54 3.96 1.52
N GLN A 326 -18.77 4.44 1.66
CA GLN A 326 -19.11 5.37 2.74
C GLN A 326 -18.96 4.72 4.15
N LYS A 327 -19.17 3.41 4.23
CA LYS A 327 -18.97 2.67 5.46
C LYS A 327 -17.51 2.36 5.79
N GLY A 328 -16.67 2.36 4.75
CA GLY A 328 -15.24 2.18 4.91
C GLY A 328 -14.50 3.50 4.99
N GLU A 329 -13.22 3.43 4.62
CA GLU A 329 -12.31 4.57 4.71
C GLU A 329 -11.43 4.64 3.48
N ILE A 330 -11.21 5.85 2.98
CA ILE A 330 -10.22 6.08 1.91
C ILE A 330 -8.85 5.66 2.41
N MET A 331 -8.11 4.91 1.61
CA MET A 331 -6.79 4.48 2.02
C MET A 331 -5.88 5.69 2.18
N PRO A 332 -4.97 5.62 3.16
CA PRO A 332 -3.86 6.57 3.16
C PRO A 332 -2.97 6.37 1.93
N ASN A 333 -2.18 7.39 1.59
CA ASN A 333 -1.17 7.25 0.54
C ASN A 333 0.26 7.38 1.06
N ILE A 334 0.42 7.34 2.38
CA ILE A 334 1.73 7.50 3.01
C ILE A 334 2.65 6.38 2.56
N PRO A 335 3.98 6.64 2.50
CA PRO A 335 4.92 5.65 1.99
C PRO A 335 4.90 4.32 2.72
N GLN A 336 4.43 4.34 3.96
CA GLN A 336 4.39 3.17 4.82
C GLN A 336 3.27 2.17 4.47
N MET A 337 2.36 2.54 3.55
CA MET A 337 1.29 1.62 3.14
C MET A 337 1.78 0.29 2.59
N SER A 338 2.85 0.31 1.79
CA SER A 338 3.40 -0.91 1.20
C SER A 338 3.77 -1.90 2.30
N ALA A 339 4.43 -1.40 3.35
CA ALA A 339 4.85 -2.25 4.46
C ALA A 339 3.68 -2.77 5.28
N PHE A 340 2.69 -1.92 5.51
CA PHE A 340 1.43 -2.30 6.14
C PHE A 340 0.80 -3.47 5.38
N TRP A 341 0.67 -3.31 4.06
CA TRP A 341 0.01 -4.36 3.26
C TRP A 341 0.80 -5.67 3.26
N TYR A 342 2.13 -5.59 3.14
CA TYR A 342 2.95 -6.80 3.22
C TYR A 342 2.77 -7.52 4.56
N ALA A 343 2.78 -6.73 5.63
CA ALA A 343 2.64 -7.26 6.98
C ALA A 343 1.30 -7.97 7.18
N VAL A 344 0.21 -7.32 6.76
CA VAL A 344 -1.13 -7.88 6.92
C VAL A 344 -1.35 -9.06 5.98
N ARG A 345 -0.79 -8.99 4.76
CA ARG A 345 -0.85 -10.11 3.82
C ARG A 345 -0.32 -11.39 4.45
N THR A 346 0.87 -11.27 5.02
CA THR A 346 1.54 -12.40 5.66
C THR A 346 0.75 -12.91 6.87
N ALA A 347 0.21 -11.99 7.68
CA ALA A 347 -0.57 -12.38 8.85
C ALA A 347 -1.81 -13.18 8.46
N VAL A 348 -2.55 -12.72 7.45
CA VAL A 348 -3.78 -13.39 7.06
C VAL A 348 -3.47 -14.77 6.51
N ILE A 349 -2.47 -14.86 5.62
CA ILE A 349 -2.09 -16.15 5.05
C ILE A 349 -1.60 -17.14 6.11
N ASN A 350 -0.76 -16.67 7.03
CA ASN A 350 -0.25 -17.55 8.09
C ASN A 350 -1.32 -17.99 9.08
N ALA A 351 -2.21 -17.09 9.44
CA ALA A 351 -3.33 -17.43 10.33
C ALA A 351 -4.30 -18.41 9.65
N ALA A 352 -4.60 -18.15 8.38
CA ALA A 352 -5.51 -19.00 7.61
C ALA A 352 -4.98 -20.42 7.43
N SER A 353 -3.68 -20.55 7.21
CA SER A 353 -3.04 -21.85 6.99
C SER A 353 -2.71 -22.63 8.27
N GLY A 354 -2.75 -21.97 9.43
CA GLY A 354 -2.33 -22.56 10.70
C GLY A 354 -0.85 -22.46 11.00
N ARG A 355 -0.08 -21.79 10.15
CA ARG A 355 1.36 -21.57 10.37
C ARG A 355 1.60 -20.74 11.62
N GLN A 356 0.71 -19.77 11.88
CA GLN A 356 0.71 -18.98 13.11
C GLN A 356 -0.68 -18.95 13.69
N THR A 357 -0.76 -18.75 15.00
CA THR A 357 -2.05 -18.40 15.62
C THR A 357 -2.41 -16.97 15.22
N VAL A 358 -3.66 -16.60 15.42
CA VAL A 358 -4.11 -15.23 15.18
C VAL A 358 -3.27 -14.23 15.99
N ASP A 359 -3.03 -14.55 17.27
CA ASP A 359 -2.25 -13.66 18.14
C ASP A 359 -0.81 -13.49 17.61
N GLU A 360 -0.17 -14.61 17.26
CA GLU A 360 1.19 -14.59 16.69
C GLU A 360 1.24 -13.78 15.38
N ALA A 361 0.27 -14.05 14.51
CA ALA A 361 0.24 -13.45 13.19
C ALA A 361 0.08 -11.93 13.26
N LEU A 362 -0.88 -11.48 14.07
CA LEU A 362 -1.13 -10.04 14.19
C LEU A 362 -0.04 -9.31 15.00
N LYS A 363 0.60 -9.99 15.96
CA LYS A 363 1.76 -9.39 16.65
C LYS A 363 2.86 -9.06 15.64
N ASP A 364 3.20 -10.02 14.79
CA ASP A 364 4.22 -9.80 13.75
C ASP A 364 3.81 -8.70 12.79
N ALA A 365 2.53 -8.66 12.44
CA ALA A 365 2.03 -7.63 11.54
C ALA A 365 2.13 -6.23 12.15
N GLN A 366 1.85 -6.12 13.46
CA GLN A 366 1.97 -4.85 14.19
C GLN A 366 3.43 -4.39 14.16
N THR A 367 4.35 -5.31 14.49
CA THR A 367 5.79 -5.02 14.45
C THR A 367 6.24 -4.55 13.07
N GLY A 368 5.82 -5.24 12.01
CA GLY A 368 6.15 -4.86 10.65
C GLY A 368 5.62 -3.49 10.25
N SER A 369 4.38 -3.22 10.64
CA SER A 369 3.73 -1.94 10.33
C SER A 369 4.33 -0.75 11.11
N GLU A 370 4.78 -0.99 12.34
CA GLU A 370 5.42 0.05 13.18
C GLU A 370 6.92 0.26 12.88
N LEU A 371 7.53 -0.63 12.10
CA LEU A 371 9.00 -0.74 12.03
C LEU A 371 9.69 0.54 11.53
N TYR A 372 9.16 1.13 10.47
CA TYR A 372 9.77 2.35 9.92
C TYR A 372 9.79 3.46 10.97
N ARG A 373 8.62 3.77 11.49
CA ARG A 373 8.47 4.91 12.41
C ARG A 373 9.27 4.72 13.69
N GLN A 374 9.28 3.51 14.23
CA GLN A 374 10.06 3.24 15.43
C GLN A 374 11.55 3.33 15.17
N SER A 375 12.00 2.76 14.05
CA SER A 375 13.41 2.81 13.69
C SER A 375 13.87 4.25 13.46
N LEU A 376 13.03 5.05 12.80
CA LEU A 376 13.37 6.47 12.57
C LEU A 376 13.48 7.25 13.86
N GLU A 377 12.54 7.04 14.78
CA GLU A 377 12.57 7.70 16.09
C GLU A 377 13.92 7.50 16.80
N ILE A 378 14.40 6.26 16.83
CA ILE A 378 15.64 5.87 17.49
C ILE A 378 16.85 6.47 16.75
N ILE A 379 16.87 6.25 15.43
CA ILE A 379 18.00 6.64 14.60
C ILE A 379 18.12 8.16 14.54
N SER A 380 17.01 8.85 14.31
CA SER A 380 17.01 10.32 14.25
C SER A 380 17.47 10.90 15.59
N ARG A 381 16.92 10.38 16.69
CA ARG A 381 17.34 10.87 18.01
C ARG A 381 18.83 10.66 18.27
N TYR A 382 19.37 9.49 17.93
CA TYR A 382 20.78 9.21 18.17
C TYR A 382 21.67 10.13 17.35
N LEU A 383 21.39 10.24 16.06
CA LEU A 383 22.18 11.14 15.18
C LEU A 383 22.19 12.58 15.67
N ARG A 384 21.02 13.09 16.03
CA ARG A 384 20.88 14.49 16.44
C ARG A 384 21.52 14.79 17.79
N GLU A 385 21.35 13.90 18.77
CA GLU A 385 22.00 14.11 20.07
C GLU A 385 23.53 13.95 19.98
N GLN A 386 23.99 13.08 19.08
CA GLN A 386 25.42 12.90 18.85
C GLN A 386 26.04 14.15 18.25
N ALA A 387 25.35 14.72 17.26
CA ALA A 387 25.81 15.94 16.58
C ALA A 387 25.82 17.19 17.46
N THR A 388 24.77 17.35 18.27
CA THR A 388 24.58 18.58 19.06
C THR A 388 25.05 18.50 20.50
N GLY A 389 25.21 17.29 21.04
CA GLY A 389 25.55 17.10 22.45
C GLY A 389 24.38 17.15 23.44
N ALA A 390 23.17 17.41 22.95
CA ALA A 390 21.99 17.52 23.79
C ALA A 390 20.90 16.60 23.24
N ALA A 391 20.20 15.91 24.13
CA ALA A 391 19.15 14.98 23.76
C ALA A 391 17.85 15.71 23.42
N ASP A 392 16.97 14.98 22.75
CA ASP A 392 15.67 15.46 22.36
C ASP A 392 14.74 15.33 23.55
N THR A 393 14.08 16.44 23.90
CA THR A 393 13.17 16.50 25.04
C THR A 393 11.74 15.99 24.73
N ALA A 394 11.44 15.77 23.45
CA ALA A 394 10.12 15.28 23.06
C ALA A 394 9.82 13.91 23.67
N PRO A 395 8.57 13.68 24.12
CA PRO A 395 8.17 12.32 24.55
C PRO A 395 8.37 11.25 23.48
N MET A 396 8.74 10.04 23.88
CA MET A 396 8.97 8.96 22.91
C MET A 396 7.70 8.55 22.12
N GLY A 397 6.54 8.64 22.78
CA GLY A 397 5.28 8.26 22.19
C GLY A 397 5.01 6.77 22.27
N ALA A 398 4.31 6.26 21.25
CA ALA A 398 3.89 4.86 21.16
C ALA A 398 5.07 3.90 21.19
N SER A 399 4.92 2.83 21.97
CA SER A 399 6.00 1.86 22.20
CA SER A 399 6.00 1.86 22.21
C SER A 399 7.27 2.56 22.72
N GLY A 400 7.07 3.51 23.62
CA GLY A 400 8.11 4.42 24.08
C GLY A 400 9.17 3.82 24.95
N ALA A 401 8.81 2.79 25.72
CA ALA A 401 9.76 2.04 26.53
C ALA A 401 10.80 1.35 25.66
N THR A 402 10.32 0.72 24.59
CA THR A 402 11.21 0.07 23.60
C THR A 402 12.13 1.11 22.96
N SER A 403 11.58 2.23 22.51
CA SER A 403 12.38 3.29 21.89
C SER A 403 13.43 3.85 22.85
N ARG A 404 13.01 4.11 24.09
CA ARG A 404 13.90 4.59 25.13
C ARG A 404 15.03 3.61 25.42
N LYS A 405 14.68 2.33 25.59
CA LYS A 405 15.68 1.31 25.89
C LYS A 405 16.60 1.02 24.71
N ALA A 406 16.07 1.08 23.50
CA ALA A 406 16.87 0.92 22.29
C ALA A 406 17.89 2.05 22.15
N LEU A 407 17.44 3.29 22.36
CA LEU A 407 18.34 4.44 22.32
C LEU A 407 19.43 4.35 23.41
N GLU A 408 19.06 3.94 24.63
CA GLU A 408 20.04 3.69 25.71
C GLU A 408 21.10 2.66 25.31
N THR A 409 20.64 1.55 24.73
CA THR A 409 21.53 0.50 24.25
C THR A 409 22.45 1.03 23.15
N LEU A 410 21.86 1.73 22.19
CA LEU A 410 22.59 2.29 21.07
C LEU A 410 23.68 3.28 21.53
N ARG A 411 23.37 4.11 22.53
CA ARG A 411 24.39 4.99 23.14
C ARG A 411 25.58 4.19 23.65
N ARG A 412 25.30 3.11 24.37
CA ARG A 412 26.35 2.26 24.91
C ARG A 412 27.20 1.60 23.81
N VAL A 413 26.56 0.81 22.96
CA VAL A 413 27.27 0.02 21.93
C VAL A 413 27.80 0.88 20.78
N GLY A 414 27.02 1.87 20.36
CA GLY A 414 27.38 2.75 19.25
C GLY A 414 28.53 3.70 19.57
N ASP A 415 28.55 4.19 20.81
CA ASP A 415 29.68 5.01 21.26
C ASP A 415 30.98 4.19 21.28
N GLY A 416 30.90 2.94 21.77
CA GLY A 416 32.02 2.00 21.73
C GLY A 416 32.58 1.78 20.35
N VAL A 417 31.68 1.55 19.39
CA VAL A 417 32.10 1.35 18.00
C VAL A 417 32.80 2.60 17.47
N GLN A 418 32.22 3.78 17.71
CA GLN A 418 32.83 5.02 17.21
C GLN A 418 34.22 5.28 17.82
N ARG A 419 34.39 4.88 19.08
CA ARG A 419 35.67 5.01 19.79
C ARG A 419 36.72 4.06 19.22
N ASN A 420 36.40 2.76 19.25
CA ASN A 420 37.33 1.73 18.81
C ASN A 420 37.66 1.81 17.33
N HIS A 421 36.68 2.19 16.51
CA HIS A 421 36.84 2.28 15.05
C HIS A 421 36.99 3.70 14.52
N GLU A 422 37.46 4.62 15.37
CA GLU A 422 37.62 6.01 14.99
C GLU A 422 38.49 6.16 13.72
N THR A 423 39.55 5.35 13.59
CA THR A 423 40.45 5.40 12.41
C THR A 423 39.72 5.11 11.11
N ALA A 424 39.04 3.97 11.04
CA ALA A 424 38.24 3.59 9.86
C ALA A 424 37.12 4.58 9.58
N PHE A 425 36.48 5.06 10.65
CA PHE A 425 35.39 6.03 10.54
C PHE A 425 35.92 7.33 9.92
N GLN A 426 37.00 7.86 10.49
CA GLN A 426 37.61 9.08 9.96
C GLN A 426 38.04 8.91 8.50
N GLY A 427 38.63 7.77 8.17
CA GLY A 427 39.03 7.48 6.79
C GLY A 427 37.90 7.40 5.77
N MET A 428 36.80 6.76 6.16
CA MET A 428 35.66 6.64 5.29
C MET A 428 34.98 8.00 5.12
N LEU A 429 34.86 8.76 6.21
CA LEU A 429 34.31 10.11 6.15
C LEU A 429 35.06 10.94 5.10
N ARG A 430 36.39 10.97 5.23
CA ARG A 430 37.22 11.75 4.32
C ARG A 430 37.12 11.26 2.87
N LYS A 431 37.06 9.94 2.68
CA LYS A 431 36.89 9.33 1.35
C LYS A 431 35.55 9.72 0.66
N LEU A 432 34.46 9.73 1.44
CA LEU A 432 33.15 10.07 0.91
C LEU A 432 32.97 11.56 0.59
N ASP A 433 33.69 12.42 1.30
CA ASP A 433 33.74 13.87 1.01
C ASP A 433 32.33 14.48 0.95
N ILE A 434 31.67 14.43 2.11
CA ILE A 434 30.25 14.81 2.26
C ILE A 434 30.18 16.29 2.64
N LYS A 435 29.63 17.09 1.72
CA LYS A 435 29.64 18.55 1.80
C LYS A 435 28.25 19.19 1.92
N ASN A 436 27.22 18.49 1.47
CA ASN A 436 25.91 19.09 1.29
C ASN A 436 24.80 18.05 1.18
N GLU A 437 23.57 18.52 1.04
CA GLU A 437 22.37 17.67 0.90
C GLU A 437 22.41 16.71 -0.30
N ASP A 438 22.93 17.18 -1.44
CA ASP A 438 23.05 16.34 -2.65
C ASP A 438 24.03 15.17 -2.44
N ASP A 439 25.11 15.45 -1.71
CA ASP A 439 26.09 14.41 -1.32
C ASP A 439 25.47 13.40 -0.35
N VAL A 440 24.66 13.87 0.60
CA VAL A 440 23.90 12.98 1.48
C VAL A 440 22.95 12.07 0.68
N LYS A 441 22.26 12.61 -0.32
CA LYS A 441 21.39 11.79 -1.21
C LYS A 441 22.11 10.63 -1.89
N SER A 442 23.38 10.85 -2.25
CA SER A 442 24.22 9.82 -2.87
C SER A 442 24.62 8.65 -1.95
N LEU A 443 24.55 8.85 -0.63
CA LEU A 443 24.94 7.80 0.32
C LEU A 443 24.06 6.54 0.29
N SER A 444 22.79 6.67 -0.11
CA SER A 444 21.85 5.53 -0.06
C SER A 444 22.36 4.34 -0.86
N ARG A 445 22.78 4.60 -2.09
CA ARG A 445 23.38 3.56 -2.95
C ARG A 445 24.58 2.87 -2.30
N VAL A 446 25.46 3.68 -1.69
CA VAL A 446 26.69 3.18 -1.04
C VAL A 446 26.34 2.34 0.19
N MET A 447 25.38 2.84 0.98
CA MET A 447 24.89 2.12 2.15
C MET A 447 24.31 0.76 1.79
N ILE A 448 23.46 0.72 0.77
CA ILE A 448 22.87 -0.53 0.28
C ILE A 448 23.97 -1.49 -0.15
N HIS A 449 24.94 -0.98 -0.91
CA HIS A 449 26.02 -1.80 -1.41
C HIS A 449 26.84 -2.43 -0.28
N VAL A 450 27.28 -1.61 0.67
CA VAL A 450 28.14 -2.06 1.75
C VAL A 450 27.34 -2.79 2.85
N PHE A 451 26.29 -2.16 3.35
CA PHE A 451 25.51 -2.74 4.46
C PHE A 451 24.68 -3.95 4.04
N SER A 452 23.78 -3.72 3.08
CA SER A 452 22.77 -4.73 2.74
C SER A 452 23.37 -6.00 2.13
N ASP A 453 24.50 -5.84 1.43
CA ASP A 453 25.33 -6.97 0.98
C ASP A 453 26.39 -7.30 2.03
N GLY A 454 25.97 -8.10 3.00
CA GLY A 454 26.83 -8.61 4.08
C GLY A 454 26.00 -9.44 5.03
N VAL A 455 26.65 -10.04 6.03
CA VAL A 455 25.94 -10.85 7.06
C VAL A 455 24.90 -9.97 7.78
N THR A 456 23.70 -10.50 8.03
CA THR A 456 22.70 -9.76 8.81
C THR A 456 22.87 -10.08 10.29
N ASN A 457 23.22 -9.05 11.06
CA ASN A 457 23.26 -9.16 12.51
C ASN A 457 23.18 -7.77 13.14
N TRP A 458 22.93 -7.72 14.45
CA TRP A 458 22.78 -6.45 15.15
C TRP A 458 24.06 -5.62 15.16
N GLY A 459 25.22 -6.29 15.20
CA GLY A 459 26.51 -5.61 15.15
C GLY A 459 26.67 -4.75 13.89
N ARG A 460 26.32 -5.32 12.73
CA ARG A 460 26.42 -4.59 11.47
C ARG A 460 25.40 -3.44 11.40
N ILE A 461 24.24 -3.65 12.01
CA ILE A 461 23.24 -2.59 12.16
C ILE A 461 23.75 -1.42 13.05
N VAL A 462 24.45 -1.75 14.12
CA VAL A 462 25.08 -0.74 14.94
C VAL A 462 26.12 0.06 14.14
N THR A 463 26.90 -0.61 13.30
CA THR A 463 27.89 0.12 12.49
C THR A 463 27.22 1.07 11.52
N LEU A 464 26.15 0.59 10.85
CA LEU A 464 25.36 1.43 9.97
C LEU A 464 24.94 2.74 10.66
N ILE A 465 24.33 2.60 11.83
CA ILE A 465 23.77 3.74 12.55
C ILE A 465 24.87 4.61 13.19
N SER A 466 25.88 3.98 13.77
CA SER A 466 27.02 4.67 14.42
CA SER A 466 26.96 4.72 14.44
C SER A 466 27.85 5.49 13.44
N PHE A 467 28.06 4.94 12.25
CA PHE A 467 28.73 5.72 11.19
C PHE A 467 27.85 6.88 10.75
N GLY A 468 26.55 6.65 10.68
CA GLY A 468 25.59 7.73 10.50
C GLY A 468 25.72 8.86 11.52
N ALA A 469 25.86 8.51 12.80
CA ALA A 469 26.11 9.51 13.85
C ALA A 469 27.44 10.25 13.62
N PHE A 470 28.46 9.50 13.21
CA PHE A 470 29.79 10.08 12.87
C PHE A 470 29.67 11.12 11.74
N VAL A 471 28.91 10.78 10.70
CA VAL A 471 28.60 11.71 9.61
C VAL A 471 27.77 12.91 10.10
N ALA A 472 26.80 12.64 10.97
CA ALA A 472 25.95 13.70 11.52
C ALA A 472 26.79 14.73 12.28
N LYS A 473 27.75 14.25 13.07
CA LYS A 473 28.65 15.15 13.79
C LYS A 473 29.40 16.05 12.81
N HIS A 474 29.89 15.45 11.73
CA HIS A 474 30.59 16.18 10.67
C HIS A 474 29.70 17.24 10.01
N LEU A 475 28.48 16.87 9.67
CA LEU A 475 27.49 17.82 9.14
C LEU A 475 27.21 19.03 10.04
N LYS A 476 27.07 18.81 11.35
CA LYS A 476 26.88 19.91 12.32
C LYS A 476 28.08 20.85 12.34
N THR A 477 29.27 20.28 12.42
CA THR A 477 30.50 21.09 12.51
C THR A 477 30.71 21.95 11.26
N ILE A 478 30.32 21.45 10.08
CA ILE A 478 30.40 22.25 8.84
C ILE A 478 29.14 23.07 8.52
N ASN A 479 28.29 23.31 9.52
CA ASN A 479 27.07 24.12 9.37
C ASN A 479 26.10 23.57 8.30
N GLN A 480 25.96 22.25 8.29
CA GLN A 480 25.03 21.51 7.42
C GLN A 480 24.04 20.68 8.28
N GLU A 481 23.65 21.23 9.43
CA GLU A 481 22.79 20.53 10.39
C GLU A 481 21.43 20.14 9.79
N SER A 482 20.96 20.92 8.82
CA SER A 482 19.75 20.62 8.06
C SER A 482 19.76 19.28 7.31
N CYS A 483 20.95 18.75 7.02
CA CYS A 483 21.09 17.49 6.35
C CYS A 483 20.91 16.28 7.27
N ILE A 484 20.88 16.49 8.59
CA ILE A 484 20.90 15.36 9.53
C ILE A 484 19.61 14.56 9.47
N GLU A 485 18.45 15.22 9.47
CA GLU A 485 17.18 14.49 9.46
C GLU A 485 16.97 13.72 8.13
N PRO A 486 17.27 14.34 6.96
CA PRO A 486 17.32 13.52 5.73
C PRO A 486 18.24 12.30 5.79
N LEU A 487 19.43 12.48 6.37
CA LEU A 487 20.37 11.38 6.57
C LEU A 487 19.76 10.26 7.42
N ALA A 488 19.15 10.63 8.55
CA ALA A 488 18.46 9.65 9.41
C ALA A 488 17.35 8.92 8.66
N GLU A 489 16.57 9.65 7.87
CA GLU A 489 15.52 9.06 7.03
C GLU A 489 16.09 8.05 6.03
N SER A 490 17.20 8.41 5.40
CA SER A 490 17.90 7.53 4.45
C SER A 490 18.42 6.24 5.09
N ILE A 491 19.06 6.37 6.25
CA ILE A 491 19.57 5.20 6.97
C ILE A 491 18.41 4.27 7.33
N THR A 492 17.35 4.85 7.87
CA THR A 492 16.18 4.10 8.28
C THR A 492 15.59 3.35 7.09
N ASP A 493 15.42 4.05 5.97
CA ASP A 493 14.89 3.45 4.75
C ASP A 493 15.71 2.21 4.35
N VAL A 494 17.04 2.35 4.30
CA VAL A 494 17.93 1.24 3.96
C VAL A 494 17.77 0.05 4.92
N LEU A 495 17.81 0.35 6.21
CA LEU A 495 17.67 -0.69 7.23
C LEU A 495 16.35 -1.47 7.11
N VAL A 496 15.23 -0.75 7.13
CA VAL A 496 13.93 -1.40 7.25
C VAL A 496 13.49 -2.06 5.96
N ARG A 497 13.90 -1.52 4.82
CA ARG A 497 13.59 -2.14 3.51
C ARG A 497 14.38 -3.42 3.26
N THR A 498 15.69 -3.35 3.51
CA THR A 498 16.58 -4.47 3.21
C THR A 498 16.55 -5.59 4.25
N LYS A 499 16.23 -5.26 5.50
CA LYS A 499 16.25 -6.25 6.61
C LYS A 499 14.89 -6.46 7.26
N ARG A 500 13.82 -6.06 6.58
CA ARG A 500 12.43 -6.18 7.06
C ARG A 500 12.14 -7.53 7.73
N ASP A 501 12.31 -8.62 6.99
CA ASP A 501 11.93 -9.95 7.47
C ASP A 501 12.74 -10.34 8.69
N TRP A 502 14.06 -10.13 8.63
CA TRP A 502 14.93 -10.42 9.76
C TRP A 502 14.54 -9.62 11.00
N LEU A 503 14.29 -8.32 10.81
CA LEU A 503 13.93 -7.45 11.91
C LEU A 503 12.65 -7.92 12.61
N VAL A 504 11.63 -8.27 11.83
CA VAL A 504 10.37 -8.76 12.40
C VAL A 504 10.60 -10.06 13.19
N LYS A 505 11.43 -10.94 12.64
CA LYS A 505 11.80 -12.20 13.30
C LYS A 505 12.53 -12.01 14.64
N GLN A 506 13.26 -10.90 14.81
CA GLN A 506 13.92 -10.55 16.08
C GLN A 506 13.02 -9.86 17.10
N ARG A 507 11.75 -9.66 16.78
CA ARG A 507 10.85 -8.82 17.58
C ARG A 507 11.32 -7.37 17.52
N GLY A 508 11.85 -6.99 16.36
CA GLY A 508 12.33 -5.64 16.09
C GLY A 508 13.29 -5.12 17.14
N TRP A 509 13.04 -3.91 17.58
CA TRP A 509 13.93 -3.24 18.52
C TRP A 509 13.96 -3.87 19.92
N ASP A 510 12.92 -4.59 20.32
CA ASP A 510 13.01 -5.40 21.55
C ASP A 510 14.12 -6.46 21.46
N GLY A 511 14.30 -7.07 20.29
CA GLY A 511 15.38 -8.02 20.07
C GLY A 511 16.75 -7.41 20.21
N PHE A 512 16.91 -6.19 19.70
CA PHE A 512 18.16 -5.42 19.83
C PHE A 512 18.53 -5.20 21.29
N VAL A 513 17.54 -4.75 22.05
CA VAL A 513 17.71 -4.48 23.47
C VAL A 513 18.12 -5.75 24.21
N GLU A 514 17.44 -6.86 23.93
CA GLU A 514 17.80 -8.17 24.51
C GLU A 514 19.17 -8.68 24.06
N PHE A 515 19.50 -8.52 22.78
CA PHE A 515 20.79 -8.98 22.26
C PHE A 515 21.97 -8.35 23.01
N PHE A 516 21.88 -7.05 23.29
CA PHE A 516 22.97 -6.29 23.93
C PHE A 516 22.78 -6.06 25.44
N HIS A 517 21.87 -6.82 26.06
CA HIS A 517 21.61 -6.70 27.48
C HIS A 517 22.85 -7.11 28.28
N VAL A 518 23.26 -6.27 29.22
CA VAL A 518 24.47 -6.52 30.01
C VAL A 518 24.21 -7.57 31.09
C1 GLC B . -7.75 -4.51 -7.19
C2 GLC B . -7.77 -3.08 -6.62
C3 GLC B . -6.54 -2.77 -5.77
C4 GLC B . -6.25 -3.88 -4.78
C5 GLC B . -6.18 -5.24 -5.46
C6 GLC B . -6.06 -6.36 -4.44
O1 GLC B . -6.82 -4.58 -8.24
O2 GLC B . -7.84 -2.11 -7.67
O3 GLC B . -6.74 -1.53 -5.09
O4 GLC B . -5.01 -3.58 -4.14
O5 GLC B . -7.39 -5.49 -6.22
O6 GLC B . -5.57 -7.55 -5.04
C1 GLC B . -5.09 -2.99 -2.84
C2 GLC B . -4.04 -1.91 -2.74
C3 GLC B . -2.66 -2.52 -2.91
C4 GLC B . -2.45 -3.60 -1.86
C5 GLC B . -3.57 -4.65 -1.87
C6 GLC B . -3.46 -5.62 -0.71
O2 GLC B . -4.30 -0.90 -3.74
O3 GLC B . -1.67 -1.49 -2.83
O4 GLC B . -1.19 -4.23 -2.04
O5 GLC B . -4.85 -3.98 -1.82
O6 GLC B . -4.27 -6.77 -0.95
C FMT C . -4.90 10.17 0.81
O1 FMT C . -4.30 10.89 1.60
O2 FMT C . -5.96 9.48 1.26
C FMT D . -10.04 -7.68 -20.77
O1 FMT D . -9.56 -6.60 -20.44
O2 FMT D . -9.59 -8.81 -20.23
C1 YLT E . 36.26 -1.80 6.87
C3 YLT E . 34.42 -0.35 7.45
C5 YLT E . 34.44 -0.50 8.96
C6 YLT E . 34.05 -1.63 9.51
C7 YLT E . 34.05 -1.85 11.01
C8 YLT E . 32.76 -2.58 11.49
C11 YLT E . 32.72 -4.03 10.97
C18 YLT E . 30.46 -3.22 8.82
C21 YLT E . 28.22 -2.22 8.42
C23 YLT E . 28.06 -0.13 7.26
C27 YLT E . 28.97 2.47 3.98
C30 YLT E . 27.69 4.85 4.86
C31 YLT E . 27.00 6.02 5.17
C32 YLT E . 26.22 6.07 6.31
C34 YLT E . 26.10 4.97 7.14
C35 YLT E . 26.80 3.83 6.85
C36 YLT E . 27.60 3.75 5.68
C37 YLT E . 29.43 2.30 6.42
C39 YLT E . 31.51 0.97 6.13
C40 YLT E . 32.40 1.20 7.36
O2 YLT E . 35.74 -0.48 6.92
C10 YLT E . 32.65 -2.50 13.03
C13 YLT E . 33.62 -4.98 11.78
S14 YLT E . 31.01 -4.66 10.97
O15 YLT E . 30.41 -4.61 12.24
O16 YLT E . 30.94 -5.85 10.23
N17 YLT E . 30.16 -3.54 10.11
O19 YLT E . 31.40 -3.69 8.19
C20 YLT E . 29.61 -2.18 8.25
C22 YLT E . 27.47 -1.20 7.92
O24 YLT E . 27.22 0.81 6.80
C25 YLT E . 27.33 1.28 5.46
C26 YLT E . 28.33 2.46 5.39
C28 YLT E . 29.61 3.82 3.65
C29 YLT E . 28.52 4.87 3.59
CL33 YLT E . 25.37 7.53 6.66
N38 YLT E . 30.08 1.01 6.50
C42 YLT E . 32.36 2.66 7.86
C43 YLT E . 33.76 2.87 8.41
O44 YLT E . 34.61 2.06 7.61
C45 YLT E . 33.88 1.00 7.00
C47 YLT E . 29.47 -0.08 7.08
C48 YLT E . 30.20 -1.12 7.62
#